data_3T99
#
_entry.id   3T99
#
_cell.length_a   90.974
_cell.length_b   110.000
_cell.length_c   41.701
_cell.angle_alpha   90.00
_cell.angle_beta   90.00
_cell.angle_gamma   90.00
#
_symmetry.space_group_name_H-M   'P 21 21 2'
#
loop_
_entity.id
_entity.type
_entity.pdbx_description
1 polymer 'Inositol Pyrophosphate Kinase'
2 non-polymer "ADENOSINE-5'-DIPHOSPHATE"
3 non-polymer 'MAGNESIUM ION'
4 water water
#
_entity_poly.entity_id   1
_entity_poly.type   'polypeptide(L)'
_entity_poly.pdbx_seq_one_letter_code
;GSFTDSPPERQIVVGICSMAKKSKSKPMKEILERISLFKYITVVVFEEEVILNEPVENWPLCDCLISFHSKGFPLDKAVA
YAKLRNPFVINDLNMQYLIQDRREVYSILQAEGILLPRYAILNRDPNNPKECNLIEGEDHVEVNGEVFQKPFVEKPVSAE
DHNVYIYYPTSAGGGSQRLFRKIGSRSSVYSPESNVRKTGSYIYEEFMPTDGTDVKVYTVGPDYAHAEARKSPALDGKVE
RDSEGKEVRYPVILNAREKLIAWKVCLAFKQTVCGFDLLRANGQSYVCDVNGFSFVKNSMKYYDDCAKILGNIVMRELAP
QFHIPWSIPLEAED
;
_entity_poly.pdbx_strand_id   A
#
loop_
_chem_comp.id
_chem_comp.type
_chem_comp.name
_chem_comp.formula
ADP non-polymer ADENOSINE-5'-DIPHOSPHATE 'C10 H15 N5 O10 P2'
MG non-polymer 'MAGNESIUM ION' 'Mg 2'
#
# COMPACT_ATOMS: atom_id res chain seq x y z
N GLY A 1 -23.81 45.97 -6.47
CA GLY A 1 -23.35 45.34 -7.74
C GLY A 1 -23.18 43.83 -7.66
N SER A 2 -22.36 43.27 -8.55
CA SER A 2 -22.14 41.82 -8.66
C SER A 2 -21.34 41.24 -7.49
N PHE A 3 -21.77 40.08 -7.01
CA PHE A 3 -21.13 39.39 -5.89
C PHE A 3 -20.32 38.20 -6.39
N THR A 4 -20.49 37.88 -7.67
CA THR A 4 -19.88 36.72 -8.31
C THR A 4 -18.36 36.79 -8.32
N ASP A 5 -17.73 35.79 -7.71
CA ASP A 5 -16.31 35.59 -7.84
C ASP A 5 -16.03 35.15 -9.28
N SER A 6 -15.39 36.01 -10.06
CA SER A 6 -15.20 35.74 -11.49
C SER A 6 -14.29 34.52 -11.72
N PRO A 7 -14.63 33.67 -12.73
CA PRO A 7 -13.86 32.47 -13.07
C PRO A 7 -12.37 32.78 -13.30
N PRO A 8 -11.47 31.92 -12.76
CA PRO A 8 -10.00 32.12 -12.69
C PRO A 8 -9.28 32.92 -13.81
N GLU A 9 -9.34 32.51 -15.08
CA GLU A 9 -9.89 31.23 -15.51
C GLU A 9 -8.92 30.48 -16.43
N ARG A 10 -7.92 29.88 -15.79
CA ARG A 10 -7.42 28.61 -16.24
C ARG A 10 -7.38 27.76 -14.98
N GLN A 11 -8.26 26.76 -14.94
CA GLN A 11 -8.26 25.80 -13.85
C GLN A 11 -7.00 24.94 -13.98
N ILE A 12 -6.43 24.55 -12.84
CA ILE A 12 -5.43 23.48 -12.80
C ILE A 12 -6.18 22.15 -12.92
N VAL A 13 -5.73 21.28 -13.82
CA VAL A 13 -6.40 20.01 -14.04
C VAL A 13 -5.72 18.86 -13.28
N VAL A 14 -6.44 18.31 -12.31
CA VAL A 14 -5.99 17.07 -11.66
C VAL A 14 -6.62 15.86 -12.35
N GLY A 15 -5.78 15.04 -12.97
CA GLY A 15 -6.23 13.78 -13.61
C GLY A 15 -6.10 12.59 -12.68
N ILE A 16 -7.17 11.81 -12.59
CA ILE A 16 -7.18 10.56 -11.83
C ILE A 16 -7.15 9.37 -12.79
N CYS A 17 -6.14 8.52 -12.64
CA CYS A 17 -5.88 7.44 -13.57
C CYS A 17 -5.73 6.11 -12.84
N SER A 18 -6.80 5.31 -12.84
CA SER A 18 -6.80 4.00 -12.18
C SER A 18 -7.97 3.19 -12.69
N MET A 19 -8.00 1.91 -12.33
CA MET A 19 -9.15 1.07 -12.67
C MET A 19 -10.42 1.66 -12.08
N ALA A 20 -11.55 1.42 -12.74
CA ALA A 20 -12.83 1.96 -12.30
C ALA A 20 -13.26 1.50 -10.89
N LYS A 21 -12.92 0.27 -10.49
CA LYS A 21 -13.11 -0.21 -9.11
C LYS A 21 -12.64 0.82 -8.07
N LYS A 22 -11.48 1.41 -8.33
CA LYS A 22 -10.86 2.39 -7.44
C LYS A 22 -11.39 3.80 -7.67
N SER A 23 -11.42 4.22 -8.94
CA SER A 23 -11.83 5.58 -9.35
CA SER A 23 -11.80 5.59 -9.28
C SER A 23 -13.28 5.90 -9.02
N LYS A 24 -14.11 4.88 -8.88
CA LYS A 24 -15.54 5.09 -8.57
C LYS A 24 -15.92 4.70 -7.13
N SER A 25 -14.96 4.17 -6.37
CA SER A 25 -15.19 3.76 -4.98
C SER A 25 -15.69 4.93 -4.14
N LYS A 26 -16.33 4.62 -3.03
CA LYS A 26 -16.83 5.67 -2.15
C LYS A 26 -15.71 6.57 -1.64
N PRO A 27 -14.66 6.01 -1.02
CA PRO A 27 -13.57 6.88 -0.54
C PRO A 27 -13.00 7.79 -1.63
N MET A 28 -12.90 7.29 -2.86
CA MET A 28 -12.42 8.13 -3.96
C MET A 28 -13.41 9.24 -4.25
N LYS A 29 -14.71 8.93 -4.32
CA LYS A 29 -15.70 9.96 -4.62
C LYS A 29 -15.75 11.03 -3.52
N GLU A 30 -15.63 10.60 -2.25
CA GLU A 30 -15.64 11.54 -1.12
C GLU A 30 -14.48 12.53 -1.19
N ILE A 31 -13.30 12.01 -1.51
CA ILE A 31 -12.09 12.82 -1.58
C ILE A 31 -12.08 13.79 -2.77
N LEU A 32 -12.53 13.32 -3.93
CA LEU A 32 -12.58 14.15 -5.15
C LEU A 32 -13.57 15.28 -5.09
N GLU A 33 -14.74 15.05 -4.52
CA GLU A 33 -15.71 16.14 -4.45
C GLU A 33 -15.26 17.26 -3.51
N ARG A 34 -14.43 16.92 -2.53
CA ARG A 34 -13.76 17.90 -1.66
C ARG A 34 -12.64 18.65 -2.39
N ILE A 35 -11.83 17.93 -3.15
CA ILE A 35 -10.81 18.57 -3.97
C ILE A 35 -11.44 19.55 -4.97
N SER A 36 -12.61 19.19 -5.51
CA SER A 36 -13.38 20.06 -6.43
C SER A 36 -13.80 21.38 -5.80
N LEU A 37 -13.80 21.43 -4.46
CA LEU A 37 -14.09 22.65 -3.74
C LEU A 37 -13.03 23.73 -3.97
N PHE A 38 -11.78 23.33 -4.21
CA PHE A 38 -10.72 24.28 -4.55
C PHE A 38 -11.09 25.05 -5.81
N LYS A 39 -11.02 26.38 -5.72
CA LYS A 39 -11.50 27.29 -6.76
C LYS A 39 -10.76 27.11 -8.08
N TYR A 40 -9.45 26.89 -8.01
CA TYR A 40 -8.61 26.78 -9.19
C TYR A 40 -8.37 25.35 -9.66
N ILE A 41 -9.10 24.38 -9.11
CA ILE A 41 -8.81 22.99 -9.46
C ILE A 41 -10.02 22.28 -10.04
N THR A 42 -9.82 21.60 -11.17
N THR A 42 -9.83 21.60 -11.18
CA THR A 42 -10.85 20.70 -11.74
CA THR A 42 -10.83 20.69 -11.73
C THR A 42 -10.31 19.27 -11.85
C THR A 42 -10.29 19.26 -11.79
N VAL A 43 -11.17 18.30 -11.55
CA VAL A 43 -10.81 16.90 -11.49
C VAL A 43 -11.30 16.17 -12.74
N VAL A 44 -10.39 15.52 -13.46
CA VAL A 44 -10.76 14.73 -14.63
C VAL A 44 -10.44 13.28 -14.27
N VAL A 45 -11.50 12.46 -14.21
CA VAL A 45 -11.36 11.02 -13.98
C VAL A 45 -11.26 10.30 -15.33
N PHE A 46 -10.14 9.61 -15.57
CA PHE A 46 -9.89 8.91 -16.83
C PHE A 46 -10.79 7.67 -16.88
N GLU A 47 -11.59 7.52 -17.93
CA GLU A 47 -12.47 6.35 -18.11
C GLU A 47 -11.64 5.08 -18.22
N GLU A 48 -12.13 3.99 -17.64
CA GLU A 48 -11.34 2.74 -17.71
C GLU A 48 -11.14 2.25 -19.15
N GLU A 49 -12.16 2.41 -19.98
CA GLU A 49 -12.11 1.95 -21.38
C GLU A 49 -11.02 2.73 -22.16
N VAL A 50 -10.92 4.02 -21.89
CA VAL A 50 -9.85 4.88 -22.43
C VAL A 50 -8.48 4.36 -21.98
N ILE A 51 -8.32 4.20 -20.66
CA ILE A 51 -7.08 3.69 -20.08
C ILE A 51 -6.71 2.34 -20.71
N LEU A 52 -7.71 1.48 -20.92
CA LEU A 52 -7.41 0.14 -21.42
C LEU A 52 -7.21 0.07 -22.93
N ASN A 53 -8.06 0.75 -23.70
CA ASN A 53 -8.10 0.56 -25.17
C ASN A 53 -7.54 1.68 -26.04
N GLU A 54 -7.45 2.88 -25.48
CA GLU A 54 -6.93 4.03 -26.24
C GLU A 54 -5.43 4.20 -26.01
N PRO A 55 -4.69 4.58 -27.07
CA PRO A 55 -3.28 4.86 -26.83
C PRO A 55 -3.15 6.16 -26.01
N VAL A 56 -1.99 6.36 -25.40
CA VAL A 56 -1.81 7.42 -24.39
C VAL A 56 -1.99 8.82 -24.96
N GLU A 57 -1.83 8.93 -26.29
CA GLU A 57 -1.95 10.19 -27.01
C GLU A 57 -3.35 10.73 -27.03
N ASN A 58 -4.34 9.85 -26.82
CA ASN A 58 -5.74 10.29 -26.71
C ASN A 58 -6.25 10.34 -25.27
N TRP A 59 -5.42 9.96 -24.29
CA TRP A 59 -5.80 10.14 -22.87
C TRP A 59 -5.98 11.64 -22.60
N PRO A 60 -6.99 12.04 -21.78
CA PRO A 60 -7.14 13.49 -21.54
C PRO A 60 -5.87 14.11 -20.96
N LEU A 61 -5.75 15.43 -21.11
CA LEU A 61 -4.58 16.13 -20.56
C LEU A 61 -4.80 16.40 -19.08
N CYS A 62 -3.72 16.44 -18.31
CA CYS A 62 -3.79 17.02 -16.97
C CYS A 62 -2.48 17.70 -16.57
N ASP A 63 -2.57 18.55 -15.55
CA ASP A 63 -1.39 19.25 -15.01
C ASP A 63 -0.78 18.46 -13.87
N CYS A 64 -1.66 17.81 -13.10
CA CYS A 64 -1.26 16.94 -12.02
C CYS A 64 -1.89 15.56 -12.22
N LEU A 65 -1.12 14.52 -11.99
CA LEU A 65 -1.62 13.18 -12.20
C LEU A 65 -1.60 12.35 -10.92
N ILE A 66 -2.79 11.90 -10.52
CA ILE A 66 -2.91 10.85 -9.50
C ILE A 66 -3.26 9.52 -10.16
N SER A 67 -2.30 8.61 -10.17
CA SER A 67 -2.46 7.34 -10.82
C SER A 67 -1.76 6.25 -10.04
N PHE A 68 -2.40 5.09 -9.95
CA PHE A 68 -1.86 3.95 -9.21
C PHE A 68 -2.30 2.61 -9.74
N HIS A 69 -1.38 1.65 -9.65
CA HIS A 69 -1.60 0.28 -10.09
C HIS A 69 -2.49 -0.48 -9.13
N SER A 70 -3.41 -1.25 -9.72
CA SER A 70 -4.11 -2.33 -9.06
C SER A 70 -4.33 -3.42 -10.12
N LYS A 71 -4.82 -4.58 -9.70
CA LYS A 71 -5.00 -5.72 -10.61
C LYS A 71 -5.54 -5.34 -12.01
N GLY A 72 -4.77 -5.67 -13.04
CA GLY A 72 -5.21 -5.37 -14.42
C GLY A 72 -4.91 -3.97 -14.96
N PHE A 73 -4.29 -3.10 -14.16
CA PHE A 73 -3.97 -1.74 -14.60
C PHE A 73 -2.76 -1.73 -15.51
N PRO A 74 -2.82 -0.98 -16.62
CA PRO A 74 -1.69 -0.92 -17.57
C PRO A 74 -0.62 0.10 -17.17
N LEU A 75 0.27 -0.29 -16.25
CA LEU A 75 1.24 0.64 -15.69
C LEU A 75 2.22 1.20 -16.72
N ASP A 76 2.61 0.34 -17.67
CA ASP A 76 3.44 0.76 -18.81
C ASP A 76 2.85 1.97 -19.50
N LYS A 77 1.54 1.95 -19.71
CA LYS A 77 0.85 3.03 -20.37
C LYS A 77 0.83 4.28 -19.51
N ALA A 78 0.50 4.13 -18.23
CA ALA A 78 0.47 5.26 -17.31
C ALA A 78 1.83 5.99 -17.33
N VAL A 79 2.92 5.22 -17.36
CA VAL A 79 4.29 5.75 -17.40
C VAL A 79 4.63 6.45 -18.72
N ALA A 80 4.15 5.91 -19.84
CA ALA A 80 4.38 6.57 -21.14
C ALA A 80 3.50 7.83 -21.24
N TYR A 81 2.32 7.78 -20.63
CA TYR A 81 1.52 8.99 -20.59
C TYR A 81 2.23 10.09 -19.76
N ALA A 82 2.82 9.70 -18.64
CA ALA A 82 3.53 10.68 -17.80
C ALA A 82 4.74 11.27 -18.53
N LYS A 83 5.55 10.42 -19.17
CA LYS A 83 6.67 10.91 -20.00
C LYS A 83 6.21 11.83 -21.13
N LEU A 84 5.12 11.46 -21.81
CA LEU A 84 4.54 12.27 -22.88
C LEU A 84 4.05 13.66 -22.45
N ARG A 85 3.25 13.69 -21.39
CA ARG A 85 2.63 14.94 -20.97
C ARG A 85 3.38 15.66 -19.83
N ASN A 86 4.41 15.03 -19.28
CA ASN A 86 5.18 15.59 -18.16
C ASN A 86 4.38 16.25 -16.99
N PRO A 87 3.22 15.66 -16.62
CA PRO A 87 2.53 16.29 -15.48
C PRO A 87 3.25 16.18 -14.13
N PHE A 88 2.82 16.99 -13.17
CA PHE A 88 3.28 16.83 -11.80
C PHE A 88 2.66 15.53 -11.26
N VAL A 89 3.51 14.57 -10.90
CA VAL A 89 3.07 13.24 -10.46
C VAL A 89 3.03 13.10 -8.91
N ILE A 90 1.87 12.74 -8.38
CA ILE A 90 1.68 12.65 -6.93
C ILE A 90 2.28 11.38 -6.31
N ASN A 91 1.93 10.24 -6.91
CA ASN A 91 2.50 8.96 -6.53
C ASN A 91 3.37 8.44 -7.69
N ASP A 92 4.67 8.39 -7.47
CA ASP A 92 5.59 7.98 -8.51
C ASP A 92 5.27 6.62 -9.12
N LEU A 93 5.27 6.58 -10.45
CA LEU A 93 4.79 5.43 -11.20
C LEU A 93 5.80 4.30 -11.26
N ASN A 94 7.06 4.63 -11.53
CA ASN A 94 8.12 3.61 -11.62
C ASN A 94 8.35 2.88 -10.31
N MET A 95 8.18 3.59 -9.20
CA MET A 95 8.23 2.96 -7.89
C MET A 95 7.16 1.88 -7.76
N GLN A 96 6.05 2.04 -8.47
CA GLN A 96 4.94 1.09 -8.36
C GLN A 96 5.22 -0.34 -8.89
N TYR A 97 6.18 -0.49 -9.82
CA TYR A 97 6.66 -1.83 -10.21
C TYR A 97 7.35 -2.48 -9.03
N LEU A 98 8.19 -1.69 -8.37
CA LEU A 98 8.95 -2.16 -7.25
C LEU A 98 8.03 -2.60 -6.12
N ILE A 99 6.98 -1.83 -5.90
CA ILE A 99 6.01 -2.11 -4.82
C ILE A 99 5.31 -3.47 -5.04
N GLN A 100 5.34 -4.00 -6.25
CA GLN A 100 4.71 -5.28 -6.59
C GLN A 100 5.57 -6.46 -6.21
N ASP A 101 6.82 -6.18 -5.86
CA ASP A 101 7.81 -7.20 -5.53
C ASP A 101 8.23 -7.02 -4.08
N ARG A 102 7.98 -8.03 -3.24
N ARG A 102 7.99 -8.03 -3.24
CA ARG A 102 8.31 -7.98 -1.81
CA ARG A 102 8.32 -7.97 -1.81
C ARG A 102 9.81 -7.88 -1.55
C ARG A 102 9.81 -7.86 -1.56
N ARG A 103 10.60 -8.43 -2.46
CA ARG A 103 12.06 -8.37 -2.40
C ARG A 103 12.50 -6.91 -2.54
N GLU A 104 11.96 -6.22 -3.54
CA GLU A 104 12.29 -4.81 -3.79
C GLU A 104 11.88 -3.94 -2.62
N VAL A 105 10.67 -4.17 -2.09
CA VAL A 105 10.18 -3.42 -0.95
C VAL A 105 11.11 -3.57 0.25
N TYR A 106 11.53 -4.79 0.55
CA TYR A 106 12.38 -5.03 1.69
C TYR A 106 13.79 -4.45 1.49
N SER A 107 14.25 -4.45 0.24
CA SER A 107 15.56 -3.92 -0.10
C SER A 107 15.61 -2.41 0.13
N ILE A 108 14.53 -1.73 -0.26
CA ILE A 108 14.39 -0.29 -0.05
C ILE A 108 14.32 0.09 1.45
N LEU A 109 13.58 -0.69 2.24
CA LEU A 109 13.43 -0.44 3.68
C LEU A 109 14.75 -0.62 4.42
N GLN A 110 15.45 -1.69 4.08
CA GLN A 110 16.80 -1.96 4.57
C GLN A 110 17.75 -0.79 4.27
N ALA A 111 17.81 -0.37 3.01
CA ALA A 111 18.67 0.74 2.55
C ALA A 111 18.33 2.06 3.23
N GLU A 112 17.08 2.23 3.64
CA GLU A 112 16.67 3.45 4.34
C GLU A 112 16.87 3.34 5.85
N GLY A 113 17.39 2.20 6.31
CA GLY A 113 17.61 1.97 7.74
C GLY A 113 16.33 1.92 8.56
N ILE A 114 15.28 1.35 7.98
CA ILE A 114 14.00 1.18 8.67
C ILE A 114 13.95 -0.24 9.22
N LEU A 115 13.57 -0.34 10.49
CA LEU A 115 13.40 -1.63 11.15
C LEU A 115 12.35 -2.48 10.43
N LEU A 116 12.73 -3.70 10.12
CA LEU A 116 11.85 -4.68 9.52
C LEU A 116 12.27 -6.04 10.09
N PRO A 117 11.47 -7.09 9.90
CA PRO A 117 11.88 -8.41 10.35
C PRO A 117 13.17 -8.95 9.68
N ARG A 118 13.98 -9.66 10.47
CA ARG A 118 15.10 -10.42 9.90
C ARG A 118 14.54 -11.39 8.86
N TYR A 119 15.19 -11.49 7.71
CA TYR A 119 14.57 -12.16 6.56
C TYR A 119 15.58 -12.70 5.55
N ALA A 120 15.13 -13.68 4.76
CA ALA A 120 15.96 -14.26 3.70
C ALA A 120 15.12 -14.70 2.51
N ILE A 121 15.66 -14.53 1.31
CA ILE A 121 14.93 -14.78 0.08
C ILE A 121 15.28 -16.14 -0.52
N LEU A 122 14.30 -17.01 -0.68
CA LEU A 122 14.52 -18.27 -1.38
C LEU A 122 13.97 -18.15 -2.80
N ASN A 123 14.86 -18.02 -3.76
CA ASN A 123 14.45 -18.00 -5.16
C ASN A 123 14.53 -19.39 -5.74
N ARG A 124 13.40 -19.86 -6.25
CA ARG A 124 13.33 -21.21 -6.76
C ARG A 124 13.23 -21.19 -8.28
N ASP A 125 14.23 -21.78 -8.92
CA ASP A 125 14.17 -21.98 -10.37
C ASP A 125 13.07 -23.00 -10.63
N PRO A 126 12.04 -22.61 -11.41
CA PRO A 126 10.93 -23.53 -11.67
C PRO A 126 11.34 -24.82 -12.40
N ASN A 127 12.50 -24.80 -13.04
CA ASN A 127 13.00 -25.98 -13.78
C ASN A 127 13.97 -26.86 -12.95
N ASN A 128 14.55 -26.30 -11.90
CA ASN A 128 15.45 -27.01 -10.98
C ASN A 128 15.05 -26.85 -9.51
N PRO A 129 13.82 -27.30 -9.15
CA PRO A 129 13.23 -26.96 -7.84
C PRO A 129 14.02 -27.52 -6.66
N LYS A 130 14.83 -28.54 -6.93
CA LYS A 130 15.67 -29.20 -5.92
C LYS A 130 16.96 -28.41 -5.65
N GLU A 131 17.43 -27.70 -6.67
CA GLU A 131 18.71 -26.99 -6.62
C GLU A 131 18.85 -25.95 -5.50
N CYS A 132 17.75 -25.24 -5.31
CA CYS A 132 17.70 -24.06 -4.52
C CYS A 132 18.11 -24.54 -3.20
N ASN A 133 18.70 -23.65 -2.43
CA ASN A 133 19.26 -24.03 -1.17
C ASN A 133 18.34 -23.80 -0.03
N LEU A 134 17.69 -24.88 0.35
CA LEU A 134 16.81 -24.87 1.45
C LEU A 134 17.02 -26.16 2.20
N ILE A 135 17.04 -26.09 3.52
CA ILE A 135 17.12 -27.25 4.39
C ILE A 135 16.02 -27.13 5.44
N GLU A 136 15.18 -28.16 5.56
CA GLU A 136 14.05 -28.13 6.49
C GLU A 136 14.19 -29.14 7.62
N GLY A 137 14.00 -28.68 8.85
CA GLY A 137 13.90 -29.55 10.00
C GLY A 137 12.48 -29.53 10.54
N GLU A 138 12.30 -30.08 11.74
CA GLU A 138 10.99 -30.14 12.37
C GLU A 138 10.48 -28.77 12.80
N ASP A 139 11.36 -27.98 13.42
CA ASP A 139 10.99 -26.66 13.92
C ASP A 139 11.83 -25.49 13.35
N HIS A 140 12.47 -25.71 12.21
CA HIS A 140 13.32 -24.69 11.61
C HIS A 140 13.43 -24.80 10.08
N VAL A 141 13.89 -23.73 9.43
CA VAL A 141 14.37 -23.77 8.04
C VAL A 141 15.73 -23.06 7.89
N GLU A 142 16.42 -23.35 6.80
CA GLU A 142 17.68 -22.68 6.45
C GLU A 142 17.61 -22.16 5.03
N VAL A 143 17.60 -20.85 4.90
CA VAL A 143 17.49 -20.24 3.58
C VAL A 143 18.78 -19.46 3.29
N ASN A 144 19.42 -19.82 2.18
CA ASN A 144 20.73 -19.24 1.80
C ASN A 144 21.72 -19.22 2.97
N GLY A 145 21.66 -20.25 3.82
CA GLY A 145 22.57 -20.38 4.95
C GLY A 145 22.00 -19.93 6.28
N GLU A 146 21.10 -18.94 6.25
CA GLU A 146 20.57 -18.37 7.49
C GLU A 146 19.35 -19.13 8.04
N VAL A 147 19.25 -19.18 9.37
CA VAL A 147 18.36 -20.10 10.08
C VAL A 147 17.20 -19.42 10.83
N PHE A 148 16.00 -20.00 10.67
CA PHE A 148 14.76 -19.45 11.21
C PHE A 148 13.97 -20.48 12.00
N GLN A 149 13.83 -20.25 13.29
CA GLN A 149 13.08 -21.15 14.13
C GLN A 149 11.60 -20.79 14.09
N LYS A 150 10.75 -21.81 14.04
CA LYS A 150 9.33 -21.60 14.13
C LYS A 150 9.10 -20.98 15.50
N PRO A 151 8.14 -20.03 15.63
CA PRO A 151 7.27 -19.50 14.57
C PRO A 151 8.03 -18.66 13.53
N PHE A 152 7.79 -18.93 12.24
CA PHE A 152 8.29 -18.07 11.16
C PHE A 152 7.24 -17.80 10.09
N VAL A 153 7.48 -16.76 9.29
CA VAL A 153 6.50 -16.28 8.33
C VAL A 153 7.05 -16.53 6.93
N GLU A 154 6.18 -17.00 6.03
CA GLU A 154 6.57 -17.35 4.69
C GLU A 154 5.73 -16.59 3.66
N LYS A 155 6.36 -15.69 2.91
CA LYS A 155 5.64 -14.76 2.04
C LYS A 155 5.95 -14.97 0.56
N PRO A 156 4.90 -15.05 -0.29
CA PRO A 156 5.20 -15.13 -1.73
C PRO A 156 6.00 -13.89 -2.15
N VAL A 157 6.89 -14.01 -3.13
CA VAL A 157 7.71 -12.88 -3.52
C VAL A 157 6.88 -11.77 -4.16
N SER A 158 5.87 -12.16 -4.94
CA SER A 158 4.94 -11.19 -5.53
C SER A 158 4.06 -10.57 -4.44
N ALA A 159 4.11 -9.24 -4.32
CA ALA A 159 3.43 -8.57 -3.22
C ALA A 159 1.92 -8.60 -3.42
N GLU A 160 1.50 -9.06 -4.59
CA GLU A 160 0.06 -9.10 -4.93
C GLU A 160 -0.54 -10.48 -4.63
N ASP A 161 0.32 -11.42 -4.26
CA ASP A 161 -0.11 -12.74 -3.78
C ASP A 161 -0.19 -12.70 -2.24
N HIS A 162 -1.42 -12.74 -1.72
CA HIS A 162 -1.63 -12.59 -0.28
C HIS A 162 -1.63 -13.91 0.51
N ASN A 163 -1.20 -14.98 -0.15
CA ASN A 163 -1.15 -16.30 0.49
C ASN A 163 0.08 -16.44 1.39
N VAL A 164 0.05 -15.72 2.52
CA VAL A 164 1.15 -15.70 3.49
C VAL A 164 0.92 -16.79 4.55
N TYR A 165 1.90 -17.68 4.71
CA TYR A 165 1.80 -18.75 5.70
C TYR A 165 2.67 -18.44 6.91
N ILE A 166 2.14 -18.77 8.09
CA ILE A 166 2.89 -18.71 9.33
C ILE A 166 2.90 -20.14 9.91
N TYR A 167 4.09 -20.63 10.24
CA TYR A 167 4.28 -22.01 10.68
C TYR A 167 4.40 -22.17 12.23
N TYR A 168 3.48 -22.94 12.82
CA TYR A 168 3.47 -23.22 14.26
C TYR A 168 4.57 -24.20 14.68
N PRO A 169 5.21 -23.96 15.85
CA PRO A 169 6.23 -24.93 16.29
C PRO A 169 5.56 -26.17 16.90
N THR A 170 6.30 -27.28 16.93
CA THR A 170 5.79 -28.53 17.54
C THR A 170 5.01 -28.28 18.82
N SER A 171 5.56 -27.50 19.75
CA SER A 171 4.91 -27.25 21.05
C SER A 171 3.62 -26.44 21.00
N ALA A 172 3.36 -25.78 19.88
CA ALA A 172 2.12 -24.98 19.79
C ALA A 172 1.00 -25.78 19.10
N GLY A 173 1.27 -27.05 18.81
CA GLY A 173 0.30 -27.90 18.13
C GLY A 173 0.65 -28.21 16.68
N GLY A 174 1.81 -27.74 16.21
CA GLY A 174 2.25 -27.90 14.81
C GLY A 174 1.36 -27.22 13.77
N GLY A 175 1.56 -27.57 12.51
CA GLY A 175 0.70 -27.07 11.44
C GLY A 175 1.07 -25.66 11.02
N SER A 176 0.18 -25.00 10.28
CA SER A 176 0.40 -23.63 9.78
C SER A 176 -0.89 -22.80 9.78
N GLN A 177 -0.75 -21.48 9.78
CA GLN A 177 -1.89 -20.59 9.58
C GLN A 177 -1.80 -19.98 8.18
N ARG A 178 -2.84 -20.21 7.38
CA ARG A 178 -2.86 -19.77 5.99
C ARG A 178 -3.70 -18.53 5.87
N LEU A 179 -3.01 -17.42 5.59
CA LEU A 179 -3.62 -16.13 5.31
C LEU A 179 -3.93 -16.05 3.82
N PHE A 180 -4.97 -15.32 3.47
CA PHE A 180 -5.40 -15.12 2.08
C PHE A 180 -6.15 -13.81 2.07
N ARG A 181 -6.38 -13.27 0.88
CA ARG A 181 -7.16 -12.07 0.71
C ARG A 181 -8.57 -12.34 1.22
N LYS A 182 -9.03 -11.45 2.10
CA LYS A 182 -10.29 -11.65 2.77
C LYS A 182 -11.48 -11.31 1.88
N ILE A 183 -12.22 -12.36 1.50
CA ILE A 183 -13.64 -12.24 1.22
C ILE A 183 -14.29 -13.20 2.21
N GLY A 184 -15.56 -12.95 2.52
CA GLY A 184 -16.27 -13.77 3.46
C GLY A 184 -15.87 -13.42 4.87
N SER A 185 -16.17 -14.30 5.79
CA SER A 185 -15.90 -14.01 7.18
C SER A 185 -14.55 -14.52 7.67
N ARG A 186 -13.76 -15.13 6.80
CA ARG A 186 -12.46 -15.65 7.23
C ARG A 186 -11.30 -14.88 6.63
N SER A 187 -10.26 -14.68 7.43
CA SER A 187 -9.04 -13.98 7.01
C SER A 187 -7.88 -14.98 6.96
N SER A 188 -8.05 -16.10 7.66
CA SER A 188 -7.10 -17.20 7.62
C SER A 188 -7.78 -18.50 8.09
N VAL A 189 -7.10 -19.62 7.89
CA VAL A 189 -7.57 -20.93 8.32
C VAL A 189 -6.37 -21.74 8.77
N TYR A 190 -6.59 -22.59 9.77
CA TYR A 190 -5.58 -23.54 10.19
C TYR A 190 -5.40 -24.65 9.16
N SER A 191 -4.16 -25.10 9.02
CA SER A 191 -3.82 -26.25 8.21
C SER A 191 -2.88 -27.14 9.01
N PRO A 192 -3.10 -28.48 8.96
CA PRO A 192 -2.21 -29.43 9.64
C PRO A 192 -0.84 -29.60 8.95
N GLU A 193 -0.67 -29.07 7.74
CA GLU A 193 0.62 -29.19 7.05
C GLU A 193 1.75 -28.43 7.78
N SER A 194 2.85 -29.14 8.05
CA SER A 194 3.99 -28.56 8.77
C SER A 194 5.19 -28.24 7.88
N ASN A 195 5.29 -28.91 6.73
CA ASN A 195 6.36 -28.65 5.79
C ASN A 195 6.08 -27.44 4.90
N VAL A 196 7.12 -26.61 4.68
CA VAL A 196 6.99 -25.38 3.90
C VAL A 196 6.64 -25.68 2.46
N ARG A 197 6.18 -24.67 1.75
CA ARG A 197 5.77 -24.88 0.37
C ARG A 197 6.96 -25.31 -0.49
N LYS A 198 6.65 -25.93 -1.62
CA LYS A 198 7.67 -26.65 -2.37
C LYS A 198 7.88 -26.12 -3.79
N THR A 199 6.92 -25.34 -4.26
CA THR A 199 7.06 -24.65 -5.53
C THR A 199 6.91 -23.15 -5.26
N GLY A 200 7.51 -22.31 -6.12
CA GLY A 200 7.41 -20.87 -5.95
C GLY A 200 8.55 -20.30 -5.13
N SER A 201 8.76 -19.00 -5.24
CA SER A 201 9.82 -18.31 -4.50
C SER A 201 9.19 -17.52 -3.36
N TYR A 202 9.86 -17.54 -2.19
CA TYR A 202 9.31 -16.94 -0.97
C TYR A 202 10.33 -16.14 -0.19
N ILE A 203 9.83 -15.18 0.59
CA ILE A 203 10.61 -14.58 1.66
C ILE A 203 10.25 -15.30 2.95
N TYR A 204 11.28 -15.80 3.65
CA TYR A 204 11.11 -16.36 4.98
C TYR A 204 11.56 -15.31 5.99
N GLU A 205 10.79 -15.16 7.05
CA GLU A 205 11.12 -14.12 8.00
C GLU A 205 10.71 -14.43 9.42
N GLU A 206 11.42 -13.80 10.34
CA GLU A 206 11.21 -13.94 11.77
C GLU A 206 9.83 -13.47 12.17
N PHE A 207 9.16 -14.24 13.02
CA PHE A 207 7.84 -13.87 13.49
C PHE A 207 7.93 -12.84 14.61
N MET A 208 7.37 -11.65 14.38
CA MET A 208 7.33 -10.59 15.39
C MET A 208 6.15 -10.76 16.34
N PRO A 209 6.45 -11.04 17.62
CA PRO A 209 5.35 -11.27 18.55
C PRO A 209 4.70 -9.96 18.90
N THR A 210 3.45 -9.78 18.48
CA THR A 210 2.69 -8.56 18.79
C THR A 210 1.56 -8.89 19.73
N ASP A 211 0.76 -7.89 20.06
CA ASP A 211 -0.37 -8.09 20.96
C ASP A 211 -1.64 -8.59 20.25
N GLY A 212 -1.49 -9.11 19.03
CA GLY A 212 -2.63 -9.63 18.27
C GLY A 212 -3.30 -8.62 17.36
N THR A 213 -2.77 -7.40 17.29
CA THR A 213 -3.24 -6.42 16.31
C THR A 213 -2.14 -5.99 15.33
N ASP A 214 -2.60 -5.48 14.19
CA ASP A 214 -1.71 -4.91 13.19
C ASP A 214 -1.95 -3.43 13.20
N VAL A 215 -0.88 -2.66 13.15
CA VAL A 215 -1.04 -1.22 12.99
C VAL A 215 -1.05 -0.88 11.48
N LYS A 216 -2.12 -0.24 11.03
CA LYS A 216 -2.24 0.18 9.64
C LYS A 216 -1.99 1.68 9.57
N VAL A 217 -1.03 2.08 8.73
CA VAL A 217 -0.67 3.51 8.58
C VAL A 217 -0.94 4.01 7.16
N TYR A 218 -1.60 5.16 7.06
CA TYR A 218 -1.98 5.78 5.79
C TYR A 218 -1.40 7.19 5.76
N THR A 219 -0.48 7.44 4.82
CA THR A 219 0.15 8.74 4.72
C THR A 219 -0.55 9.54 3.66
N VAL A 220 -0.54 10.87 3.86
CA VAL A 220 -0.87 11.84 2.82
C VAL A 220 0.24 12.87 2.83
N GLY A 221 1.28 12.63 2.04
CA GLY A 221 2.50 13.40 2.15
C GLY A 221 3.21 13.03 3.44
N PRO A 222 4.47 13.46 3.57
CA PRO A 222 5.36 13.00 4.64
C PRO A 222 5.05 13.53 6.05
N ASP A 223 4.23 14.56 6.17
CA ASP A 223 3.94 15.20 7.45
C ASP A 223 2.51 14.86 7.92
N TYR A 224 1.86 13.89 7.28
CA TYR A 224 0.53 13.45 7.72
C TYR A 224 0.42 11.93 7.67
N ALA A 225 0.12 11.33 8.80
CA ALA A 225 -0.10 9.89 8.86
C ALA A 225 -1.26 9.61 9.79
N HIS A 226 -2.26 8.89 9.26
CA HIS A 226 -3.36 8.37 10.08
C HIS A 226 -3.04 6.92 10.39
N ALA A 227 -3.24 6.52 11.64
CA ALA A 227 -3.04 5.13 12.02
C ALA A 227 -4.23 4.54 12.77
N GLU A 228 -4.42 3.23 12.60
CA GLU A 228 -5.45 2.47 13.33
C GLU A 228 -4.99 1.02 13.39
N ALA A 229 -5.54 0.23 14.29
CA ALA A 229 -5.12 -1.16 14.41
C ALA A 229 -6.30 -2.07 14.09
N ARG A 230 -5.99 -3.30 13.70
CA ARG A 230 -7.01 -4.31 13.40
C ARG A 230 -6.50 -5.64 13.87
N LYS A 231 -7.43 -6.53 14.19
CA LYS A 231 -7.11 -7.89 14.63
C LYS A 231 -6.17 -8.53 13.62
N SER A 232 -5.13 -9.19 14.12
CA SER A 232 -4.21 -9.87 13.24
C SER A 232 -4.94 -11.02 12.53
N PRO A 233 -4.91 -11.03 11.19
CA PRO A 233 -5.63 -12.07 10.43
C PRO A 233 -5.26 -13.50 10.82
N ALA A 234 -4.04 -13.70 11.29
CA ALA A 234 -3.57 -15.01 11.71
C ALA A 234 -4.12 -15.50 13.04
N LEU A 235 -4.86 -14.65 13.75
CA LEU A 235 -5.35 -14.99 15.10
C LEU A 235 -6.51 -15.90 15.38
N ASP A 236 -7.69 -15.50 14.88
CA ASP A 236 -8.91 -16.28 15.01
C ASP A 236 -9.16 -16.92 13.67
N GLY A 237 -8.74 -16.22 12.61
CA GLY A 237 -9.24 -16.49 11.27
C GLY A 237 -10.54 -15.75 11.04
N LYS A 238 -11.28 -15.50 12.12
CA LYS A 238 -12.53 -14.73 12.07
C LYS A 238 -12.29 -13.23 12.00
N VAL A 239 -12.99 -12.59 11.07
CA VAL A 239 -13.02 -11.14 10.97
C VAL A 239 -14.07 -10.64 11.97
N GLU A 240 -13.70 -9.68 12.80
CA GLU A 240 -14.65 -9.07 13.74
C GLU A 240 -15.39 -7.97 13.02
N ARG A 241 -16.71 -7.95 13.16
CA ARG A 241 -17.53 -6.86 12.61
C ARG A 241 -18.38 -6.20 13.70
N ASP A 242 -18.83 -4.97 13.43
CA ASP A 242 -19.63 -4.19 14.38
C ASP A 242 -21.09 -4.17 13.93
N SER A 243 -21.84 -3.16 14.39
CA SER A 243 -23.26 -2.97 14.06
C SER A 243 -23.56 -3.25 12.58
N GLU A 244 -22.82 -2.58 11.69
CA GLU A 244 -23.15 -2.50 10.27
C GLU A 244 -22.18 -3.24 9.33
N GLY A 245 -21.58 -4.32 9.84
CA GLY A 245 -20.69 -5.15 9.03
C GLY A 245 -19.32 -4.55 8.74
N LYS A 246 -19.11 -3.31 9.16
CA LYS A 246 -17.79 -2.66 9.09
C LYS A 246 -16.84 -3.37 10.04
N GLU A 247 -15.62 -3.67 9.58
CA GLU A 247 -14.61 -4.24 10.46
C GLU A 247 -14.36 -3.32 11.66
N VAL A 248 -14.04 -3.90 12.82
CA VAL A 248 -13.74 -3.12 14.03
C VAL A 248 -12.32 -2.52 13.99
N ARG A 249 -12.20 -1.29 14.47
CA ARG A 249 -10.96 -0.51 14.41
C ARG A 249 -10.47 -0.03 15.78
N TYR A 250 -9.27 -0.48 16.17
CA TYR A 250 -8.68 -0.11 17.45
C TYR A 250 -7.84 1.18 17.33
N PRO A 251 -7.85 2.01 18.40
CA PRO A 251 -7.15 3.29 18.42
C PRO A 251 -5.64 3.13 18.38
N VAL A 252 -4.98 3.98 17.59
CA VAL A 252 -3.52 4.04 17.59
C VAL A 252 -3.14 5.51 17.60
N ILE A 253 -2.13 5.84 18.40
CA ILE A 253 -1.48 7.14 18.35
C ILE A 253 -0.04 6.74 18.09
N LEU A 254 0.52 7.22 16.99
CA LEU A 254 1.89 6.88 16.61
C LEU A 254 2.87 7.63 17.52
N ASN A 255 3.97 6.99 17.90
CA ASN A 255 4.99 7.68 18.67
C ASN A 255 5.97 8.36 17.70
N ALA A 256 6.85 9.21 18.25
CA ALA A 256 7.87 9.90 17.45
C ALA A 256 8.65 8.97 16.50
N ARG A 257 9.10 7.82 17.00
CA ARG A 257 9.82 6.88 16.14
C ARG A 257 8.96 6.47 14.94
N GLU A 258 7.63 6.39 15.15
CA GLU A 258 6.68 5.88 14.15
C GLU A 258 6.28 6.95 13.16
N LYS A 259 6.01 8.17 13.66
CA LYS A 259 5.85 9.31 12.76
C LYS A 259 7.01 9.44 11.78
N LEU A 260 8.24 9.20 12.25
CA LEU A 260 9.42 9.23 11.37
C LEU A 260 9.45 8.08 10.34
N ILE A 261 9.09 6.87 10.77
CA ILE A 261 8.90 5.76 9.80
C ILE A 261 7.94 6.16 8.68
N ALA A 262 6.81 6.77 9.04
CA ALA A 262 5.83 7.17 8.04
C ALA A 262 6.44 8.22 7.06
N TRP A 263 7.16 9.18 7.64
CA TRP A 263 7.84 10.27 6.88
C TRP A 263 8.82 9.65 5.88
N LYS A 264 9.60 8.66 6.33
CA LYS A 264 10.60 7.97 5.53
C LYS A 264 10.02 7.02 4.48
N VAL A 265 8.99 6.25 4.84
CA VAL A 265 8.29 5.39 3.87
C VAL A 265 7.69 6.18 2.72
N CYS A 266 6.94 7.23 3.06
CA CYS A 266 6.36 8.11 2.07
C CYS A 266 7.40 8.59 1.04
N LEU A 267 8.49 9.17 1.53
CA LEU A 267 9.60 9.66 0.68
C LEU A 267 10.40 8.57 -0.03
N ALA A 268 10.77 7.51 0.68
CA ALA A 268 11.59 6.46 0.09
C ALA A 268 10.90 5.78 -1.10
N PHE A 269 9.59 5.59 -1.00
CA PHE A 269 8.82 4.96 -2.08
C PHE A 269 8.19 5.95 -3.02
N LYS A 270 8.34 7.23 -2.69
CA LYS A 270 7.84 8.34 -3.53
C LYS A 270 6.34 8.31 -3.76
N GLN A 271 5.64 7.75 -2.78
CA GLN A 271 4.18 7.69 -2.81
C GLN A 271 3.57 8.69 -1.79
N THR A 272 2.98 9.77 -2.29
CA THR A 272 2.37 10.75 -1.41
C THR A 272 1.30 10.06 -0.58
N VAL A 273 0.39 9.33 -1.26
CA VAL A 273 -0.63 8.56 -0.57
C VAL A 273 -0.13 7.15 -0.47
N CYS A 274 0.15 6.70 0.74
CA CYS A 274 0.80 5.43 0.95
C CYS A 274 0.31 4.74 2.21
N GLY A 275 0.02 3.45 2.09
CA GLY A 275 -0.40 2.64 3.21
C GLY A 275 0.65 1.60 3.48
N PHE A 276 0.97 1.39 4.75
CA PHE A 276 1.90 0.33 5.09
C PHE A 276 1.51 -0.29 6.42
N ASP A 277 2.09 -1.45 6.75
CA ASP A 277 1.75 -2.13 8.00
C ASP A 277 2.87 -2.03 9.04
N LEU A 278 2.52 -1.76 10.30
CA LEU A 278 3.47 -1.85 11.41
C LEU A 278 3.21 -2.99 12.41
N LEU A 279 4.27 -3.68 12.80
CA LEU A 279 4.17 -4.65 13.89
C LEU A 279 4.85 -4.07 15.13
N ARG A 280 4.06 -3.70 16.13
CA ARG A 280 4.58 -3.28 17.43
C ARG A 280 4.99 -4.51 18.23
N ALA A 281 6.29 -4.77 18.25
CA ALA A 281 6.87 -5.91 18.95
C ALA A 281 8.20 -5.55 19.64
N ASN A 282 8.40 -6.13 20.81
CA ASN A 282 9.66 -6.03 21.58
C ASN A 282 10.20 -4.62 21.73
N GLY A 283 9.34 -3.67 22.06
CA GLY A 283 9.72 -2.28 22.29
C GLY A 283 9.92 -1.41 21.04
N GLN A 284 9.74 -1.99 19.85
CA GLN A 284 10.00 -1.31 18.58
C GLN A 284 8.83 -1.50 17.57
N SER A 285 8.98 -0.92 16.38
CA SER A 285 7.94 -1.00 15.35
C SER A 285 8.55 -1.38 14.02
N TYR A 286 8.12 -2.54 13.50
CA TYR A 286 8.64 -3.11 12.28
C TYR A 286 7.65 -3.01 11.12
N VAL A 287 8.11 -2.51 9.99
CA VAL A 287 7.29 -2.48 8.77
C VAL A 287 7.37 -3.88 8.15
N CYS A 288 6.24 -4.49 7.84
CA CYS A 288 6.23 -5.83 7.21
C CYS A 288 5.63 -5.84 5.79
N ASP A 289 5.06 -4.71 5.39
CA ASP A 289 4.29 -4.63 4.18
C ASP A 289 4.18 -3.18 3.78
N VAL A 290 4.46 -2.87 2.51
CA VAL A 290 4.25 -1.53 1.96
C VAL A 290 3.40 -1.64 0.71
N ASN A 291 2.23 -0.99 0.70
CA ASN A 291 1.19 -1.24 -0.31
C ASN A 291 0.92 -0.10 -1.30
N GLY A 292 1.49 1.07 -1.05
CA GLY A 292 1.30 2.14 -1.99
C GLY A 292 -0.05 2.75 -1.75
N PHE A 293 -0.67 3.25 -2.82
CA PHE A 293 -1.86 4.11 -2.74
C PHE A 293 -3.00 3.44 -1.98
N SER A 294 -3.53 4.12 -0.97
CA SER A 294 -4.58 3.58 -0.10
C SER A 294 -5.28 4.71 0.65
N PHE A 295 -6.60 4.66 0.63
CA PHE A 295 -7.44 5.54 1.41
C PHE A 295 -7.89 4.85 2.70
N VAL A 296 -8.18 5.65 3.72
CA VAL A 296 -8.90 5.16 4.90
C VAL A 296 -10.37 5.15 4.49
N LYS A 297 -11.09 4.14 4.95
CA LYS A 297 -12.53 4.06 4.70
C LYS A 297 -13.29 4.49 5.96
N ASN A 298 -14.39 5.21 5.76
CA ASN A 298 -15.34 5.51 6.84
C ASN A 298 -14.80 6.40 7.94
N SER A 299 -14.09 7.43 7.52
CA SER A 299 -13.60 8.45 8.44
C SER A 299 -13.80 9.79 7.78
N MET A 300 -14.77 10.54 8.30
CA MET A 300 -15.03 11.89 7.84
C MET A 300 -13.77 12.75 7.90
N LYS A 301 -13.07 12.69 9.03
CA LYS A 301 -11.88 13.50 9.22
C LYS A 301 -10.82 13.23 8.15
N TYR A 302 -10.49 11.97 7.93
CA TYR A 302 -9.51 11.60 6.90
C TYR A 302 -9.88 12.16 5.52
N TYR A 303 -11.14 12.02 5.12
CA TYR A 303 -11.62 12.59 3.86
C TYR A 303 -11.33 14.07 3.81
N ASP A 304 -11.71 14.81 4.87
CA ASP A 304 -11.45 16.25 4.89
C ASP A 304 -9.96 16.53 4.78
N ASP A 305 -9.16 15.87 5.63
CA ASP A 305 -7.73 16.17 5.71
C ASP A 305 -7.02 15.78 4.42
N CYS A 306 -7.28 14.57 3.92
CA CYS A 306 -6.65 14.09 2.70
C CYS A 306 -6.85 15.07 1.55
N ALA A 307 -8.10 15.44 1.30
CA ALA A 307 -8.45 16.36 0.21
C ALA A 307 -7.79 17.72 0.40
N LYS A 308 -7.77 18.20 1.64
CA LYS A 308 -7.15 19.49 1.97
C LYS A 308 -5.68 19.45 1.66
N ILE A 309 -5.00 18.38 2.09
CA ILE A 309 -3.56 18.25 1.86
C ILE A 309 -3.21 18.11 0.37
N LEU A 310 -3.88 17.18 -0.33
CA LEU A 310 -3.64 17.00 -1.77
C LEU A 310 -3.88 18.29 -2.51
N GLY A 311 -5.02 18.91 -2.26
CA GLY A 311 -5.36 20.19 -2.87
C GLY A 311 -4.24 21.23 -2.71
N ASN A 312 -3.75 21.35 -1.48
CA ASN A 312 -2.68 22.31 -1.15
C ASN A 312 -1.35 21.95 -1.81
N ILE A 313 -1.05 20.65 -1.90
CA ILE A 313 0.14 20.19 -2.62
C ILE A 313 0.09 20.65 -4.10
N VAL A 314 -1.08 20.51 -4.72
CA VAL A 314 -1.28 20.88 -6.13
C VAL A 314 -1.10 22.39 -6.31
N MET A 315 -1.78 23.15 -5.44
CA MET A 315 -1.70 24.61 -5.46
C MET A 315 -0.26 25.08 -5.31
N ARG A 316 0.38 24.68 -4.22
CA ARG A 316 1.77 25.06 -3.95
C ARG A 316 2.67 24.78 -5.15
N GLU A 317 2.48 23.63 -5.79
CA GLU A 317 3.37 23.20 -6.84
C GLU A 317 3.13 23.93 -8.16
N LEU A 318 1.85 24.15 -8.49
CA LEU A 318 1.48 24.61 -9.83
C LEU A 318 0.95 26.04 -9.93
N ALA A 319 0.62 26.66 -8.80
CA ALA A 319 0.12 28.04 -8.83
C ALA A 319 1.09 29.02 -9.53
N PRO A 320 2.41 28.90 -9.30
CA PRO A 320 3.35 29.86 -9.89
C PRO A 320 3.38 29.90 -11.42
N GLN A 321 3.60 28.75 -12.08
CA GLN A 321 3.65 28.71 -13.54
C GLN A 321 2.31 29.08 -14.21
N PHE A 322 1.23 29.02 -13.44
CA PHE A 322 -0.09 29.44 -13.92
C PHE A 322 -0.36 30.92 -13.63
N HIS A 323 0.52 31.56 -12.87
CA HIS A 323 0.33 32.93 -12.34
C HIS A 323 -0.93 33.06 -11.47
N ILE A 324 -1.22 32.02 -10.68
CA ILE A 324 -2.36 32.02 -9.78
C ILE A 324 -1.93 32.51 -8.39
N PRO A 325 -2.73 33.42 -7.78
CA PRO A 325 -2.37 33.90 -6.44
C PRO A 325 -2.56 32.83 -5.36
N TRP A 326 -1.46 32.50 -4.68
CA TRP A 326 -1.44 31.51 -3.61
C TRP A 326 -0.21 31.78 -2.72
N SER A 327 -0.34 31.57 -1.40
CA SER A 327 0.74 31.84 -0.44
C SER A 327 1.55 30.59 -0.07
PB ADP B . 0.05 -8.70 2.67
O1B ADP B . -0.76 -9.88 1.93
O2B ADP B . 0.80 -7.94 1.52
O3B ADP B . -0.89 -7.79 3.37
PA ADP B . 1.77 -8.83 4.94
O1A ADP B . 3.25 -8.76 4.87
O2A ADP B . 0.95 -7.67 5.38
O3A ADP B . 1.24 -9.36 3.53
O5' ADP B . 1.37 -10.08 5.94
C5' ADP B . 0.01 -10.36 6.29
C4' ADP B . -0.21 -10.39 7.83
O4' ADP B . 0.77 -11.38 8.27
C3' ADP B . 0.31 -9.12 8.51
O3' ADP B . -0.66 -8.08 8.55
C2' ADP B . 0.57 -9.63 9.91
O2' ADP B . -0.63 -9.70 10.69
C1' ADP B . 1.16 -11.01 9.64
N9 ADP B . 2.65 -10.85 9.64
C8 ADP B . 3.40 -10.43 8.43
N7 ADP B . 4.77 -10.75 8.78
C5 ADP B . 4.80 -10.97 10.10
C6 ADP B . 5.87 -11.13 10.98
N6 ADP B . 7.12 -11.09 10.53
N1 ADP B . 5.61 -11.33 12.28
C2 ADP B . 4.36 -11.39 12.75
N3 ADP B . 3.31 -11.25 11.95
C4 ADP B . 3.51 -11.03 10.63
MG MG C . -0.40 -6.39 4.84
MG MG D . 0.66 -5.88 1.27
#